data_8C6P
#
_entry.id   8C6P
#
_cell.length_a   45.190
_cell.length_b   73.930
_cell.length_c   53.040
_cell.angle_alpha   90.000
_cell.angle_beta   110.020
_cell.angle_gamma   90.000
#
_symmetry.space_group_name_H-M   'P 1 21 1'
#
loop_
_entity.id
_entity.type
_entity.pdbx_description
1 polymer Endothiapepsin
2 non-polymer 4-[(2-azanyl-4-methyl-1,3-thiazol-5-yl)methyl]benzenecarbonitrile
3 non-polymer GLYCEROL
4 water water
#
_entity_poly.entity_id   1
_entity_poly.type   'polypeptide(L)'
_entity_poly.pdbx_seq_one_letter_code
;MSSPLKNALVTAMLAGGALSSPTKQHVGIPVNASPEVGPGKYSFKQVRNPNYKFNGPLSVKKTYLKYGVPIPAWLEDAVQ
NSTSGLAERSTGSATTTPIDSLDDAYITPVQIGTPAQTLNLDFDTGSSDLWVFSSETTASEVDGQTIYTPSKSTTAKLLS
GATWSISYGDGSSSSGDVYTDTVSVGGLTVTGQAVESAKKVSSSFTEDSTIDGLLGLAFSTLNTVSPTQQKTFFDNAKAS
LDSPVFTADLGYHAPGTYNFGFIDTTAYTGSITYTAVSTKQGFWEWTSTGYAVGSGTFKSTSIDGIADTGTTLLYLPATV
VSAYWAQVSGAKSSSSVGGYVFPCSATLPSFTFGVGSARIVIPGDYIDFGPISTGSSSCFGGIQSSAGIGINIFGDVALK
AAFVVFNGATTPTLGFASK
;
_entity_poly.pdbx_strand_id   A
#
# COMPACT_ATOMS: atom_id res chain seq x y z
N SER A 90 -3.51 -23.48 4.49
CA SER A 90 -2.95 -23.07 3.20
C SER A 90 -2.07 -21.84 3.38
N THR A 91 -1.28 -21.57 2.35
CA THR A 91 -0.47 -20.36 2.28
C THR A 91 -0.43 -19.88 0.85
N GLY A 92 0.00 -18.63 0.66
CA GLY A 92 0.35 -18.14 -0.65
C GLY A 92 1.57 -17.24 -0.54
N SER A 93 2.26 -17.11 -1.66
CA SER A 93 3.45 -16.27 -1.71
C SER A 93 3.58 -15.72 -3.11
N ALA A 94 3.67 -14.40 -3.25
CA ALA A 94 3.78 -13.77 -4.56
C ALA A 94 4.81 -12.67 -4.51
N THR A 95 5.54 -12.51 -5.61
CA THR A 95 6.50 -11.42 -5.74
C THR A 95 5.78 -10.15 -6.09
N THR A 96 6.20 -9.06 -5.46
CA THR A 96 5.69 -7.73 -5.74
C THR A 96 6.83 -6.89 -6.30
N THR A 97 6.51 -6.08 -7.31
CA THR A 97 7.51 -5.40 -8.14
CA THR A 97 7.54 -5.38 -8.05
C THR A 97 7.19 -3.91 -8.20
N PRO A 98 8.17 -3.03 -7.99
CA PRO A 98 7.91 -1.60 -8.22
C PRO A 98 7.47 -1.33 -9.65
N ILE A 99 6.53 -0.41 -9.80
CA ILE A 99 6.02 -0.10 -11.14
C ILE A 99 6.97 0.78 -11.93
N ASP A 100 7.89 1.46 -11.26
CA ASP A 100 8.77 2.42 -11.91
C ASP A 100 10.03 2.57 -11.07
N SER A 101 10.95 3.42 -11.56
CA SER A 101 12.26 3.57 -10.92
C SER A 101 12.20 4.31 -9.59
N LEU A 102 11.06 4.88 -9.24
CA LEU A 102 10.90 5.63 -8.00
C LEU A 102 10.18 4.82 -6.93
N ASP A 103 9.77 3.58 -7.23
CA ASP A 103 8.95 2.82 -6.29
C ASP A 103 7.64 3.55 -5.99
N ASP A 104 7.00 4.11 -7.02
CA ASP A 104 5.76 4.84 -6.77
C ASP A 104 4.65 3.93 -6.26
N ALA A 105 4.66 2.68 -6.68
CA ALA A 105 3.70 1.69 -6.24
C ALA A 105 4.28 0.34 -6.61
N TYR A 106 3.61 -0.71 -6.16
CA TYR A 106 4.07 -2.07 -6.37
C TYR A 106 2.92 -2.88 -6.96
N ILE A 107 3.26 -3.77 -7.90
CA ILE A 107 2.26 -4.64 -8.50
C ILE A 107 2.60 -6.09 -8.20
N THR A 108 1.52 -6.88 -8.05
CA THR A 108 1.62 -8.28 -7.71
C THR A 108 0.67 -9.04 -8.64
N PRO A 109 1.12 -10.11 -9.28
CA PRO A 109 0.24 -10.82 -10.21
C PRO A 109 -0.84 -11.58 -9.45
N VAL A 110 -2.06 -11.53 -9.99
CA VAL A 110 -3.23 -12.16 -9.39
C VAL A 110 -3.98 -12.90 -10.49
N GLN A 111 -4.32 -14.16 -10.23
CA GLN A 111 -5.08 -14.95 -11.18
C GLN A 111 -6.57 -14.82 -10.88
N ILE A 112 -7.36 -14.43 -11.87
CA ILE A 112 -8.80 -14.25 -11.71
C ILE A 112 -9.53 -15.09 -12.74
N GLY A 113 -10.49 -15.88 -12.28
CA GLY A 113 -11.37 -16.57 -13.20
C GLY A 113 -10.85 -17.91 -13.68
N THR A 114 -11.64 -18.51 -14.56
CA THR A 114 -11.38 -19.82 -15.13
C THR A 114 -11.68 -19.81 -16.62
N PRO A 115 -10.68 -20.06 -17.47
CA PRO A 115 -9.25 -20.18 -17.16
C PRO A 115 -8.73 -18.88 -16.55
N ALA A 116 -7.58 -18.93 -15.90
CA ALA A 116 -7.06 -17.76 -15.22
C ALA A 116 -6.83 -16.62 -16.18
N GLN A 117 -7.17 -15.42 -15.73
CA GLN A 117 -6.77 -14.17 -16.35
C GLN A 117 -5.86 -13.50 -15.34
N THR A 118 -4.58 -13.34 -15.68
CA THR A 118 -3.63 -12.78 -14.73
C THR A 118 -3.55 -11.27 -14.91
N LEU A 119 -3.85 -10.55 -13.83
CA LEU A 119 -3.78 -9.10 -13.79
C LEU A 119 -2.77 -8.70 -12.73
N ASN A 120 -2.10 -7.58 -12.94
CA ASN A 120 -1.12 -7.09 -11.98
C ASN A 120 -1.77 -6.03 -11.12
N LEU A 121 -2.00 -6.37 -9.86
CA LEU A 121 -2.78 -5.51 -8.98
C LEU A 121 -1.90 -4.83 -7.93
N ASP A 122 -2.36 -3.67 -7.51
CA ASP A 122 -1.71 -2.89 -6.46
C ASP A 122 -2.33 -3.32 -5.13
N PHE A 123 -1.59 -4.08 -4.33
CA PHE A 123 -2.07 -4.53 -3.05
C PHE A 123 -2.06 -3.36 -2.07
N ASP A 124 -3.22 -3.05 -1.51
CA ASP A 124 -3.44 -1.77 -0.85
C ASP A 124 -3.99 -2.01 0.56
N THR A 125 -3.13 -1.95 1.58
CA THR A 125 -3.61 -2.11 2.94
C THR A 125 -4.38 -0.90 3.45
N GLY A 126 -4.56 0.14 2.65
CA GLY A 126 -5.36 1.29 2.97
C GLY A 126 -6.75 1.31 2.38
N SER A 127 -7.18 0.27 1.68
CA SER A 127 -8.54 0.20 1.18
C SER A 127 -8.99 -1.26 1.14
N SER A 128 -10.25 -1.48 0.77
CA SER A 128 -10.85 -2.79 1.00
C SER A 128 -11.66 -3.28 -0.18
N ASP A 129 -11.37 -2.78 -1.38
CA ASP A 129 -12.03 -3.20 -2.61
C ASP A 129 -10.99 -3.86 -3.51
N LEU A 130 -11.38 -4.97 -4.13
CA LEU A 130 -10.59 -5.61 -5.17
C LEU A 130 -11.29 -5.21 -6.46
N TRP A 131 -10.69 -4.28 -7.20
CA TRP A 131 -11.30 -3.83 -8.43
C TRP A 131 -10.30 -3.93 -9.57
N VAL A 132 -10.84 -4.13 -10.77
CA VAL A 132 -10.01 -4.38 -11.94
C VAL A 132 -10.49 -3.60 -13.16
N PHE A 133 -9.53 -3.20 -13.99
CA PHE A 133 -9.84 -2.85 -15.37
C PHE A 133 -10.52 -4.04 -16.03
N SER A 134 -11.48 -3.77 -16.90
CA SER A 134 -12.30 -4.85 -17.40
CA SER A 134 -12.33 -4.84 -17.39
C SER A 134 -12.77 -4.57 -18.81
N SER A 135 -13.36 -5.60 -19.42
CA SER A 135 -14.01 -5.43 -20.72
C SER A 135 -15.17 -4.45 -20.65
N GLU A 136 -15.64 -4.10 -19.45
CA GLU A 136 -16.70 -3.13 -19.25
C GLU A 136 -16.18 -1.71 -19.06
N THR A 137 -14.88 -1.53 -18.92
CA THR A 137 -14.36 -0.18 -18.69
C THR A 137 -14.50 0.65 -19.95
N THR A 138 -15.02 1.87 -19.80
CA THR A 138 -15.13 2.81 -20.92
C THR A 138 -13.84 2.78 -21.75
N ALA A 139 -13.99 2.54 -23.05
CA ALA A 139 -12.84 2.22 -23.89
C ALA A 139 -11.80 3.32 -23.87
N SER A 140 -12.23 4.59 -23.89
CA SER A 140 -11.28 5.69 -23.87
C SER A 140 -10.53 5.80 -22.56
N GLU A 141 -10.95 5.08 -21.51
CA GLU A 141 -10.29 5.12 -20.22
C GLU A 141 -9.34 3.95 -20.02
N VAL A 142 -9.18 3.10 -21.02
CA VAL A 142 -8.20 2.02 -21.00
C VAL A 142 -7.06 2.40 -21.92
N ASP A 143 -5.83 2.33 -21.40
CA ASP A 143 -4.66 2.69 -22.17
C ASP A 143 -3.49 1.79 -21.73
N GLY A 144 -3.53 0.54 -22.18
CA GLY A 144 -2.43 -0.38 -21.99
C GLY A 144 -2.59 -1.36 -20.85
N GLN A 145 -3.59 -1.19 -19.99
CA GLN A 145 -3.82 -2.12 -18.89
C GLN A 145 -4.31 -3.45 -19.43
N THR A 146 -4.02 -4.51 -18.67
CA THR A 146 -4.65 -5.80 -18.90
C THR A 146 -6.03 -5.81 -18.26
N ILE A 147 -7.01 -6.32 -19.00
CA ILE A 147 -8.40 -6.28 -18.57
C ILE A 147 -8.90 -7.67 -18.18
N TYR A 148 -9.80 -7.69 -17.21
CA TYR A 148 -10.60 -8.86 -16.88
C TYR A 148 -11.85 -8.88 -17.74
N THR A 149 -12.12 -10.02 -18.38
CA THR A 149 -13.31 -10.18 -19.19
C THR A 149 -14.16 -11.25 -18.52
N PRO A 150 -15.16 -10.86 -17.73
CA PRO A 150 -15.92 -11.87 -16.97
C PRO A 150 -16.64 -12.86 -17.86
N SER A 151 -17.07 -12.46 -19.06
CA SER A 151 -17.78 -13.37 -19.94
C SER A 151 -16.91 -14.54 -20.39
N LYS A 152 -15.60 -14.42 -20.29
CA LYS A 152 -14.68 -15.50 -20.65
C LYS A 152 -14.30 -16.36 -19.46
N SER A 153 -14.83 -16.06 -18.28
CA SER A 153 -14.56 -16.85 -17.09
C SER A 153 -15.78 -17.71 -16.77
N THR A 154 -15.59 -19.03 -16.79
CA THR A 154 -16.72 -19.92 -16.56
C THR A 154 -17.16 -19.94 -15.11
N THR A 155 -16.36 -19.39 -14.21
CA THR A 155 -16.71 -19.30 -12.80
C THR A 155 -17.22 -17.92 -12.39
N ALA A 156 -17.23 -16.94 -13.30
CA ALA A 156 -17.72 -15.62 -12.95
C ALA A 156 -19.24 -15.62 -12.88
N LYS A 157 -19.77 -14.90 -11.88
CA LYS A 157 -21.20 -14.72 -11.73
CA LYS A 157 -21.20 -14.72 -11.72
C LYS A 157 -21.47 -13.27 -11.37
N LEU A 158 -22.34 -12.62 -12.13
CA LEU A 158 -22.71 -11.25 -11.81
C LEU A 158 -23.42 -11.23 -10.47
N LEU A 159 -22.99 -10.32 -9.59
CA LEU A 159 -23.64 -10.16 -8.28
C LEU A 159 -24.79 -9.19 -8.49
N SER A 160 -26.01 -9.72 -8.45
CA SER A 160 -27.17 -8.96 -8.88
C SER A 160 -27.37 -7.69 -8.08
N GLY A 161 -27.48 -6.56 -8.80
CA GLY A 161 -27.78 -5.29 -8.19
C GLY A 161 -26.62 -4.62 -7.50
N ALA A 162 -25.43 -5.22 -7.50
CA ALA A 162 -24.32 -4.70 -6.74
C ALA A 162 -23.51 -3.72 -7.57
N THR A 163 -23.18 -2.57 -6.98
CA THR A 163 -22.29 -1.62 -7.61
C THR A 163 -21.26 -1.18 -6.57
N TRP A 164 -20.22 -0.52 -7.06
CA TRP A 164 -19.18 -0.02 -6.17
C TRP A 164 -18.70 1.30 -6.73
N SER A 165 -18.12 2.12 -5.85
CA SER A 165 -17.58 3.41 -6.24
C SER A 165 -16.63 3.82 -5.13
N ILE A 166 -15.40 4.13 -5.50
CA ILE A 166 -14.38 4.44 -4.51
C ILE A 166 -13.64 5.69 -4.94
N SER A 167 -13.18 6.44 -3.95
CA SER A 167 -12.32 7.60 -4.16
CA SER A 167 -12.32 7.60 -4.15
C SER A 167 -11.10 7.44 -3.25
N TYR A 168 -9.95 7.82 -3.77
CA TYR A 168 -8.71 7.69 -3.00
C TYR A 168 -8.17 9.06 -2.63
N GLY A 169 -7.20 9.05 -1.71
CA GLY A 169 -6.68 10.28 -1.13
C GLY A 169 -5.98 11.20 -2.10
N ASP A 170 -5.60 10.69 -3.27
CA ASP A 170 -5.01 11.51 -4.33
C ASP A 170 -6.04 12.11 -5.27
N GLY A 171 -7.33 11.96 -4.94
CA GLY A 171 -8.39 12.47 -5.78
C GLY A 171 -8.81 11.55 -6.90
N SER A 172 -8.17 10.39 -7.04
CA SER A 172 -8.54 9.46 -8.08
C SER A 172 -9.75 8.63 -7.64
N SER A 173 -10.34 7.93 -8.60
CA SER A 173 -11.59 7.23 -8.34
C SER A 173 -11.83 6.17 -9.40
N SER A 174 -12.76 5.28 -9.09
CA SER A 174 -13.22 4.27 -10.04
C SER A 174 -14.55 3.73 -9.53
N SER A 175 -15.30 3.10 -10.44
CA SER A 175 -16.61 2.58 -10.06
C SER A 175 -17.06 1.54 -11.09
N GLY A 176 -18.06 0.75 -10.71
CA GLY A 176 -18.57 -0.23 -11.65
C GLY A 176 -19.54 -1.20 -11.02
N ASP A 177 -19.57 -2.42 -11.57
CA ASP A 177 -20.43 -3.50 -11.11
C ASP A 177 -19.55 -4.61 -10.52
N VAL A 178 -20.17 -5.72 -10.15
CA VAL A 178 -19.48 -6.70 -9.30
C VAL A 178 -19.78 -8.10 -9.79
N TYR A 179 -18.73 -8.90 -9.91
CA TYR A 179 -18.83 -10.33 -10.13
C TYR A 179 -18.26 -11.05 -8.92
N THR A 180 -18.68 -12.28 -8.70
CA THR A 180 -17.90 -13.16 -7.86
C THR A 180 -17.15 -14.12 -8.77
N ASP A 181 -15.93 -14.47 -8.37
CA ASP A 181 -15.10 -15.33 -9.20
C ASP A 181 -14.00 -15.90 -8.33
N THR A 182 -13.26 -16.85 -8.90
CA THR A 182 -12.12 -17.45 -8.22
CA THR A 182 -12.13 -17.44 -8.20
C THR A 182 -10.91 -16.54 -8.38
N VAL A 183 -10.22 -16.28 -7.28
CA VAL A 183 -9.06 -15.41 -7.27
C VAL A 183 -7.93 -16.13 -6.56
N SER A 184 -6.76 -16.16 -7.17
CA SER A 184 -5.61 -16.80 -6.57
C SER A 184 -4.43 -15.86 -6.53
N VAL A 185 -3.71 -15.89 -5.42
CA VAL A 185 -2.51 -15.08 -5.23
C VAL A 185 -1.42 -16.02 -4.78
N GLY A 186 -0.39 -16.17 -5.61
CA GLY A 186 0.77 -16.90 -5.18
C GLY A 186 0.46 -18.29 -4.71
N GLY A 187 -0.53 -18.95 -5.32
CA GLY A 187 -0.90 -20.30 -4.95
C GLY A 187 -2.03 -20.43 -3.95
N LEU A 188 -2.50 -19.34 -3.36
CA LEU A 188 -3.61 -19.34 -2.42
C LEU A 188 -4.87 -18.97 -3.17
N THR A 189 -5.91 -19.80 -3.10
CA THR A 189 -7.10 -19.62 -3.91
C THR A 189 -8.31 -19.34 -3.03
N VAL A 190 -9.08 -18.31 -3.40
CA VAL A 190 -10.39 -18.01 -2.82
C VAL A 190 -11.44 -18.17 -3.90
N THR A 191 -12.47 -18.96 -3.61
CA THR A 191 -13.62 -19.00 -4.50
C THR A 191 -14.68 -18.01 -4.01
N GLY A 192 -15.47 -17.49 -4.95
CA GLY A 192 -16.50 -16.56 -4.58
C GLY A 192 -16.01 -15.21 -4.14
N GLN A 193 -14.81 -14.82 -4.53
CA GLN A 193 -14.32 -13.48 -4.21
C GLN A 193 -15.06 -12.43 -5.01
N ALA A 194 -15.47 -11.33 -4.36
CA ALA A 194 -16.03 -10.22 -5.10
C ALA A 194 -14.94 -9.52 -5.90
N VAL A 195 -15.12 -9.50 -7.21
CA VAL A 195 -14.22 -8.85 -8.15
C VAL A 195 -15.02 -7.68 -8.72
N GLU A 196 -14.55 -6.48 -8.41
CA GLU A 196 -15.29 -5.27 -8.74
C GLU A 196 -14.80 -4.80 -10.11
N SER A 197 -15.65 -4.94 -11.11
CA SER A 197 -15.30 -4.65 -12.49
C SER A 197 -15.54 -3.16 -12.76
N ALA A 198 -14.50 -2.47 -13.20
CA ALA A 198 -14.63 -1.03 -13.43
C ALA A 198 -15.39 -0.73 -14.72
N LYS A 199 -16.42 0.11 -14.61
CA LYS A 199 -16.99 0.76 -15.78
C LYS A 199 -16.33 2.10 -16.04
N LYS A 200 -15.87 2.77 -14.99
CA LYS A 200 -15.24 4.08 -15.09
C LYS A 200 -14.01 4.08 -14.19
N VAL A 201 -12.94 4.72 -14.66
CA VAL A 201 -11.77 5.01 -13.85
C VAL A 201 -11.36 6.43 -14.13
N SER A 202 -10.73 7.07 -13.15
CA SER A 202 -10.27 8.43 -13.36
C SER A 202 -8.95 8.46 -14.13
N SER A 203 -8.57 9.67 -14.55
CA SER A 203 -7.48 9.84 -15.50
C SER A 203 -6.17 9.27 -14.97
N SER A 204 -5.90 9.39 -13.67
CA SER A 204 -4.62 8.89 -13.16
C SER A 204 -4.49 7.38 -13.36
N PHE A 205 -5.61 6.66 -13.22
CA PHE A 205 -5.55 5.22 -13.48
C PHE A 205 -5.35 4.93 -14.96
N THR A 206 -6.10 5.62 -15.82
CA THR A 206 -5.94 5.43 -17.26
C THR A 206 -4.50 5.66 -17.67
N GLU A 207 -3.88 6.69 -17.10
CA GLU A 207 -2.55 7.13 -17.51
C GLU A 207 -1.45 6.25 -16.98
N ASP A 208 -1.75 5.31 -16.09
CA ASP A 208 -0.76 4.39 -15.55
C ASP A 208 -1.05 3.01 -16.12
N SER A 209 -0.33 2.64 -17.18
CA SER A 209 -0.57 1.38 -17.84
C SER A 209 -0.11 0.18 -17.03
N THR A 210 0.62 0.38 -15.93
CA THR A 210 1.26 -0.69 -15.18
CA THR A 210 1.24 -0.73 -15.21
C THR A 210 0.34 -1.33 -14.15
N ILE A 211 -0.73 -0.65 -13.76
CA ILE A 211 -1.60 -1.11 -12.68
C ILE A 211 -2.94 -1.49 -13.28
N ASP A 212 -3.30 -2.76 -13.13
CA ASP A 212 -4.53 -3.30 -13.71
C ASP A 212 -5.71 -3.25 -12.75
N GLY A 213 -5.48 -2.74 -11.55
CA GLY A 213 -6.50 -2.67 -10.51
C GLY A 213 -5.84 -2.71 -9.15
N LEU A 214 -6.68 -2.73 -8.13
CA LEU A 214 -6.24 -2.72 -6.74
C LEU A 214 -6.80 -3.95 -6.03
N LEU A 215 -6.04 -4.44 -5.06
CA LEU A 215 -6.51 -5.52 -4.19
C LEU A 215 -6.43 -4.99 -2.76
N GLY A 216 -7.59 -4.65 -2.20
CA GLY A 216 -7.62 -4.04 -0.89
C GLY A 216 -7.40 -5.05 0.23
N LEU A 217 -6.62 -4.62 1.22
CA LEU A 217 -6.22 -5.44 2.35
C LEU A 217 -6.46 -4.74 3.68
N ALA A 218 -7.21 -3.64 3.69
CA ALA A 218 -7.70 -3.04 4.92
C ALA A 218 -8.89 -3.87 5.40
N PHE A 219 -9.63 -3.35 6.38
CA PHE A 219 -10.69 -4.15 6.97
C PHE A 219 -11.95 -4.05 6.12
N SER A 220 -12.71 -5.16 6.08
CA SER A 220 -13.84 -5.22 5.15
C SER A 220 -14.91 -4.19 5.44
N THR A 221 -14.94 -3.60 6.64
CA THR A 221 -15.87 -2.52 6.92
C THR A 221 -15.75 -1.34 5.95
N LEU A 222 -14.60 -1.17 5.29
CA LEU A 222 -14.44 -0.11 4.31
C LEU A 222 -14.88 -0.49 2.91
N ASN A 223 -15.25 -1.73 2.65
CA ASN A 223 -15.58 -2.12 1.28
C ASN A 223 -16.77 -1.31 0.78
N THR A 224 -16.71 -0.85 -0.47
CA THR A 224 -17.71 0.09 -0.98
C THR A 224 -18.88 -0.58 -1.69
N VAL A 225 -18.90 -1.90 -1.85
CA VAL A 225 -19.99 -2.51 -2.60
C VAL A 225 -21.32 -2.25 -1.92
N SER A 226 -22.31 -1.87 -2.72
CA SER A 226 -23.64 -1.55 -2.28
C SER A 226 -24.62 -2.31 -3.16
N PRO A 227 -25.74 -2.80 -2.60
CA PRO A 227 -26.21 -2.58 -1.23
C PRO A 227 -25.71 -3.60 -0.22
N THR A 228 -24.88 -4.54 -0.63
CA THR A 228 -24.37 -5.60 0.26
C THR A 228 -22.84 -5.55 0.22
N GLN A 229 -22.25 -5.06 1.31
CA GLN A 229 -20.80 -4.97 1.39
CA GLN A 229 -20.80 -4.97 1.42
C GLN A 229 -20.17 -6.34 1.25
N GLN A 230 -18.99 -6.36 0.63
CA GLN A 230 -18.27 -7.59 0.32
C GLN A 230 -16.96 -7.67 1.12
N LYS A 231 -16.43 -8.88 1.22
CA LYS A 231 -15.24 -9.14 1.99
CA LYS A 231 -15.24 -9.16 1.99
C LYS A 231 -13.97 -9.05 1.14
N THR A 232 -12.88 -8.65 1.79
CA THR A 232 -11.59 -8.64 1.12
C THR A 232 -11.10 -10.06 0.88
N PHE A 233 -10.12 -10.14 -0.02
CA PHE A 233 -9.46 -11.41 -0.32
C PHE A 233 -8.90 -12.02 0.96
N PHE A 234 -8.25 -11.22 1.80
CA PHE A 234 -7.68 -11.74 3.05
C PHE A 234 -8.78 -12.24 3.98
N ASP A 235 -9.86 -11.49 4.11
CA ASP A 235 -10.94 -11.92 4.98
C ASP A 235 -11.51 -13.25 4.51
N ASN A 236 -11.67 -13.40 3.19
CA ASN A 236 -12.20 -14.65 2.66
C ASN A 236 -11.23 -15.81 2.83
N ALA A 237 -9.92 -15.55 2.77
CA ALA A 237 -8.93 -16.61 2.86
C ALA A 237 -8.60 -16.99 4.29
N LYS A 238 -8.86 -16.10 5.25
CA LYS A 238 -8.18 -16.15 6.54
C LYS A 238 -8.41 -17.47 7.27
N ALA A 239 -9.65 -17.96 7.27
CA ALA A 239 -9.93 -19.19 8.02
C ALA A 239 -9.18 -20.39 7.46
N SER A 240 -8.84 -20.37 6.16
CA SER A 240 -8.13 -21.48 5.55
CA SER A 240 -8.14 -21.55 5.62
C SER A 240 -6.62 -21.38 5.74
N LEU A 241 -6.11 -20.20 6.07
CA LEU A 241 -4.67 -20.02 6.17
C LEU A 241 -4.09 -20.77 7.36
N ASP A 242 -2.82 -21.16 7.24
CA ASP A 242 -2.16 -21.81 8.37
C ASP A 242 -2.19 -20.91 9.61
N SER A 243 -1.96 -19.62 9.42
CA SER A 243 -2.07 -18.61 10.45
CA SER A 243 -2.07 -18.60 10.46
C SER A 243 -2.77 -17.42 9.82
N PRO A 244 -3.61 -16.70 10.56
CA PRO A 244 -4.44 -15.63 9.96
C PRO A 244 -3.68 -14.32 9.80
N VAL A 245 -2.66 -14.35 8.93
CA VAL A 245 -1.72 -13.24 8.78
C VAL A 245 -1.37 -13.09 7.31
N PHE A 246 -0.92 -11.88 6.96
CA PHE A 246 -0.19 -11.70 5.73
C PHE A 246 0.99 -10.79 6.03
N THR A 247 2.02 -10.86 5.20
CA THR A 247 3.20 -10.04 5.41
C THR A 247 3.54 -9.29 4.15
N ALA A 248 4.04 -8.07 4.34
CA ALA A 248 4.50 -7.21 3.26
C ALA A 248 6.00 -7.01 3.42
N ASP A 249 6.73 -7.35 2.37
CA ASP A 249 8.18 -7.21 2.32
C ASP A 249 8.49 -6.47 1.02
N LEU A 250 8.30 -5.14 1.05
CA LEU A 250 8.47 -4.34 -0.15
C LEU A 250 9.94 -4.00 -0.34
N GLY A 251 10.39 -4.05 -1.59
CA GLY A 251 11.78 -3.77 -1.89
C GLY A 251 12.02 -2.29 -2.20
N TYR A 252 13.25 -1.87 -1.94
CA TYR A 252 13.71 -0.56 -2.39
C TYR A 252 14.38 -0.79 -3.74
N HIS A 253 13.76 -0.29 -4.80
CA HIS A 253 14.32 -0.45 -6.14
C HIS A 253 14.56 -1.91 -6.47
N ALA A 254 13.69 -2.79 -5.97
CA ALA A 254 13.97 -4.22 -6.03
C ALA A 254 12.69 -4.97 -5.82
N PRO A 255 12.62 -6.23 -6.24
CA PRO A 255 11.45 -7.07 -5.96
C PRO A 255 11.29 -7.29 -4.46
N GLY A 256 10.07 -7.68 -4.10
CA GLY A 256 9.74 -8.03 -2.75
C GLY A 256 8.68 -9.09 -2.75
N THR A 257 8.03 -9.30 -1.61
CA THR A 257 7.13 -10.43 -1.46
C THR A 257 5.93 -10.07 -0.59
N TYR A 258 4.76 -10.53 -1.00
CA TYR A 258 3.59 -10.66 -0.12
C TYR A 258 3.37 -12.14 0.16
N ASN A 259 3.36 -12.49 1.45
CA ASN A 259 3.04 -13.83 1.88
C ASN A 259 1.73 -13.84 2.65
N PHE A 260 0.96 -14.92 2.47
CA PHE A 260 -0.29 -15.12 3.18
C PHE A 260 -0.21 -16.42 3.96
N GLY A 261 -0.49 -16.34 5.26
CA GLY A 261 -0.66 -17.52 6.07
C GLY A 261 0.56 -17.99 6.82
N PHE A 262 1.70 -17.33 6.66
CA PHE A 262 2.92 -17.75 7.35
C PHE A 262 3.89 -16.59 7.41
N ILE A 263 4.81 -16.71 8.36
CA ILE A 263 5.88 -15.76 8.55
CA ILE A 263 5.90 -15.77 8.59
C ILE A 263 7.19 -16.42 8.12
N ASP A 264 7.82 -15.84 7.10
CA ASP A 264 9.11 -16.32 6.63
C ASP A 264 10.18 -15.77 7.57
N THR A 265 10.66 -16.62 8.47
CA THR A 265 11.62 -16.17 9.48
C THR A 265 13.00 -15.90 8.90
N THR A 266 13.23 -16.22 7.62
CA THR A 266 14.49 -15.86 6.97
C THR A 266 14.42 -14.48 6.31
N ALA A 267 13.27 -13.82 6.32
CA ALA A 267 13.08 -12.59 5.55
C ALA A 267 13.36 -11.33 6.34
N TYR A 268 13.78 -11.45 7.60
CA TYR A 268 14.04 -10.30 8.43
C TYR A 268 15.20 -10.61 9.36
N THR A 269 15.73 -9.57 9.99
CA THR A 269 16.76 -9.71 11.01
C THR A 269 16.17 -9.38 12.36
N GLY A 270 16.84 -9.84 13.41
CA GLY A 270 16.34 -9.56 14.74
C GLY A 270 14.97 -10.16 14.98
N SER A 271 14.19 -9.48 15.80
CA SER A 271 12.86 -9.95 16.16
CA SER A 271 12.86 -9.95 16.14
C SER A 271 11.80 -9.06 15.55
N ILE A 272 10.59 -9.59 15.48
CA ILE A 272 9.42 -8.81 15.09
C ILE A 272 8.83 -8.21 16.35
N THR A 273 8.66 -6.89 16.36
CA THR A 273 7.98 -6.22 17.46
C THR A 273 6.54 -5.97 17.05
N TYR A 274 5.63 -6.47 17.86
CA TYR A 274 4.20 -6.31 17.59
C TYR A 274 3.66 -5.12 18.37
N THR A 275 2.66 -4.49 17.79
CA THR A 275 2.08 -3.27 18.35
C THR A 275 0.59 -3.29 18.11
N ALA A 276 -0.15 -2.61 18.99
CA ALA A 276 -1.60 -2.68 18.96
C ALA A 276 -2.18 -1.97 17.73
N VAL A 277 -3.31 -2.46 17.27
CA VAL A 277 -4.03 -1.92 16.12
C VAL A 277 -5.42 -1.50 16.56
N SER A 278 -5.85 -0.32 16.10
CA SER A 278 -7.24 0.06 16.16
C SER A 278 -7.86 -0.11 14.78
N THR A 279 -8.99 -0.81 14.72
CA THR A 279 -9.73 -0.97 13.48
C THR A 279 -10.90 0.00 13.39
N LYS A 280 -10.95 1.00 14.26
CA LYS A 280 -12.11 1.87 14.35
C LYS A 280 -12.36 2.66 13.07
N GLN A 281 -11.31 2.97 12.31
CA GLN A 281 -11.46 3.63 11.01
C GLN A 281 -11.31 2.68 9.85
N GLY A 282 -11.26 1.37 10.11
CA GLY A 282 -11.13 0.38 9.07
C GLY A 282 -9.72 0.17 8.56
N PHE A 283 -8.74 0.82 9.16
CA PHE A 283 -7.36 0.75 8.72
C PHE A 283 -6.52 -0.07 9.69
N TRP A 284 -5.31 -0.43 9.25
CA TRP A 284 -4.28 -0.97 10.13
C TRP A 284 -3.64 0.21 10.83
N GLU A 285 -4.34 0.71 11.84
CA GLU A 285 -3.97 1.95 12.51
C GLU A 285 -3.25 1.60 13.81
N TRP A 286 -2.13 2.27 14.06
CA TRP A 286 -1.26 1.95 15.18
C TRP A 286 -0.60 3.23 15.65
N THR A 287 0.16 3.14 16.74
CA THR A 287 0.79 4.32 17.32
C THR A 287 2.29 4.10 17.40
N SER A 288 3.04 4.82 16.58
CA SER A 288 4.48 4.80 16.68
C SER A 288 4.91 5.53 17.94
N THR A 289 6.01 5.08 18.51
CA THR A 289 6.51 5.63 19.77
C THR A 289 7.44 6.82 19.58
N GLY A 290 7.78 7.20 18.35
CA GLY A 290 8.55 8.41 18.16
C GLY A 290 9.45 8.30 16.94
N TYR A 291 10.43 9.19 16.88
CA TYR A 291 11.23 9.27 15.67
C TYR A 291 12.61 9.85 15.97
N ALA A 292 13.53 9.63 15.04
CA ALA A 292 14.80 10.34 15.04
C ALA A 292 15.12 10.73 13.61
N VAL A 293 15.91 11.80 13.46
CA VAL A 293 16.37 12.27 12.16
C VAL A 293 17.87 12.00 12.09
N GLY A 294 18.30 11.24 11.09
CA GLY A 294 19.72 10.91 10.98
C GLY A 294 20.24 10.30 12.25
N SER A 295 21.41 10.77 12.70
CA SER A 295 22.03 10.29 13.93
CA SER A 295 22.04 10.30 13.92
C SER A 295 21.56 11.06 15.15
N GLY A 296 20.50 11.85 15.02
CA GLY A 296 20.02 12.65 16.13
C GLY A 296 19.34 11.83 17.21
N THR A 297 19.07 12.50 18.31
CA THR A 297 18.44 11.86 19.46
CA THR A 297 18.45 11.84 19.45
C THR A 297 17.02 11.42 19.12
N PHE A 298 16.60 10.29 19.67
CA PHE A 298 15.24 9.83 19.47
C PHE A 298 14.27 10.68 20.28
N LYS A 299 13.20 11.13 19.64
CA LYS A 299 12.14 11.90 20.27
C LYS A 299 10.98 10.95 20.57
N SER A 300 10.69 10.74 21.84
CA SER A 300 9.59 9.88 22.24
C SER A 300 8.30 10.69 22.18
N THR A 301 7.41 10.30 21.28
CA THR A 301 6.16 11.00 21.09
C THR A 301 5.23 10.06 20.33
N SER A 302 3.95 10.06 20.69
CA SER A 302 3.01 9.13 20.08
C SER A 302 2.57 9.67 18.73
N ILE A 303 2.71 8.86 17.69
CA ILE A 303 2.29 9.24 16.35
C ILE A 303 1.33 8.18 15.86
N ASP A 304 0.04 8.51 15.88
CA ASP A 304 -0.98 7.58 15.43
C ASP A 304 -1.04 7.65 13.90
N GLY A 305 -0.97 6.50 13.23
CA GLY A 305 -1.05 6.52 11.79
C GLY A 305 -1.40 5.14 11.28
N ILE A 306 -1.42 5.02 9.96
CA ILE A 306 -1.86 3.78 9.33
C ILE A 306 -0.73 3.16 8.51
N ALA A 307 -0.66 1.83 8.54
CA ALA A 307 0.26 1.10 7.68
C ALA A 307 -0.43 0.90 6.35
N ASP A 308 0.03 1.62 5.31
CA ASP A 308 -0.67 1.74 4.04
C ASP A 308 0.23 1.45 2.85
N THR A 309 0.20 0.21 2.36
CA THR A 309 1.02 -0.16 1.23
C THR A 309 0.61 0.56 -0.05
N GLY A 310 -0.60 1.10 -0.11
CA GLY A 310 -1.06 1.80 -1.29
C GLY A 310 -0.74 3.26 -1.34
N THR A 311 -0.08 3.81 -0.31
CA THR A 311 0.39 5.18 -0.32
C THR A 311 1.89 5.17 -0.55
N THR A 312 2.37 6.00 -1.48
CA THR A 312 3.79 5.96 -1.81
C THR A 312 4.66 6.49 -0.67
N LEU A 313 4.26 7.63 -0.11
CA LEU A 313 5.13 8.42 0.75
C LEU A 313 4.82 8.21 2.23
N LEU A 314 5.65 8.84 3.07
CA LEU A 314 5.50 8.84 4.52
C LEU A 314 4.94 10.20 4.91
N TYR A 315 3.70 10.23 5.41
CA TYR A 315 3.01 11.46 5.79
C TYR A 315 2.95 11.52 7.31
N LEU A 316 3.59 12.54 7.87
CA LEU A 316 3.74 12.68 9.32
C LEU A 316 3.39 14.09 9.75
N PRO A 317 3.27 14.33 11.05
CA PRO A 317 2.86 15.66 11.50
C PRO A 317 3.85 16.73 11.05
N ALA A 318 3.31 17.93 10.84
CA ALA A 318 4.13 19.03 10.35
C ALA A 318 5.35 19.29 11.20
N THR A 319 5.25 19.14 12.52
CA THR A 319 6.42 19.39 13.36
C THR A 319 7.54 18.40 13.05
N VAL A 320 7.18 17.14 12.86
CA VAL A 320 8.15 16.08 12.60
C VAL A 320 8.79 16.31 11.24
N VAL A 321 7.96 16.61 10.24
CA VAL A 321 8.46 16.80 8.88
C VAL A 321 9.36 18.03 8.80
N SER A 322 9.01 19.09 9.51
CA SER A 322 9.87 20.27 9.54
C SER A 322 11.22 19.92 10.15
N ALA A 323 11.21 19.13 11.23
CA ALA A 323 12.48 18.73 11.84
C ALA A 323 13.35 17.90 10.90
N TYR A 324 12.72 17.04 10.09
CA TYR A 324 13.47 16.24 9.13
C TYR A 324 14.12 17.15 8.08
N TRP A 325 13.31 17.96 7.40
CA TRP A 325 13.83 18.71 6.26
C TRP A 325 14.79 19.82 6.69
N ALA A 326 14.72 20.26 7.95
CA ALA A 326 15.68 21.22 8.45
C ALA A 326 17.10 20.68 8.42
N GLN A 327 17.26 19.35 8.33
CA GLN A 327 18.57 18.72 8.26
C GLN A 327 19.06 18.56 6.83
N VAL A 328 18.34 19.09 5.86
CA VAL A 328 18.70 18.97 4.46
C VAL A 328 18.93 20.39 3.94
N SER A 329 20.19 20.72 3.69
CA SER A 329 20.53 22.07 3.24
CA SER A 329 20.51 22.08 3.26
C SER A 329 19.82 22.41 1.94
N GLY A 330 19.08 23.51 1.94
CA GLY A 330 18.39 23.96 0.75
C GLY A 330 16.99 23.42 0.59
N ALA A 331 16.55 22.50 1.44
CA ALA A 331 15.20 21.98 1.34
C ALA A 331 14.19 23.07 1.73
N LYS A 332 13.03 23.04 1.08
CA LYS A 332 11.99 24.03 1.32
CA LYS A 332 12.00 24.02 1.35
C LYS A 332 10.65 23.38 1.06
N SER A 333 9.63 23.89 1.74
CA SER A 333 8.27 23.51 1.41
C SER A 333 7.79 24.43 0.30
N SER A 334 7.43 23.85 -0.82
CA SER A 334 7.05 24.57 -2.01
C SER A 334 5.54 24.50 -2.16
N SER A 335 4.89 25.64 -2.07
CA SER A 335 3.43 25.67 -2.25
CA SER A 335 3.43 25.66 -2.24
C SER A 335 3.05 25.27 -3.67
N SER A 336 3.85 25.68 -4.65
CA SER A 336 3.52 25.35 -6.04
C SER A 336 3.68 23.86 -6.31
N VAL A 337 4.74 23.25 -5.77
CA VAL A 337 4.96 21.84 -6.02
C VAL A 337 4.00 20.99 -5.21
N GLY A 338 3.65 21.44 -4.01
CA GLY A 338 2.79 20.69 -3.14
C GLY A 338 3.48 19.93 -2.03
N GLY A 339 4.69 20.33 -1.66
CA GLY A 339 5.31 19.76 -0.50
C GLY A 339 6.78 20.13 -0.46
N TYR A 340 7.51 19.42 0.39
CA TYR A 340 8.93 19.66 0.54
C TYR A 340 9.68 19.14 -0.67
N VAL A 341 10.59 19.98 -1.15
CA VAL A 341 11.51 19.68 -2.23
C VAL A 341 12.92 19.97 -1.71
N PHE A 342 13.91 19.42 -2.40
CA PHE A 342 15.27 19.57 -1.93
C PHE A 342 16.22 19.49 -3.12
N PRO A 343 17.42 20.03 -3.00
CA PRO A 343 18.35 19.98 -4.13
C PRO A 343 18.71 18.55 -4.44
N CYS A 344 18.67 18.17 -5.71
CA CYS A 344 18.93 16.78 -6.04
C CYS A 344 20.34 16.35 -5.67
N SER A 345 21.27 17.30 -5.50
CA SER A 345 22.64 16.99 -5.09
C SER A 345 22.76 16.68 -3.61
N ALA A 346 21.71 16.87 -2.82
CA ALA A 346 21.83 16.66 -1.39
C ALA A 346 21.96 15.18 -1.05
N THR A 347 22.63 14.91 0.07
CA THR A 347 22.61 13.60 0.69
CA THR A 347 22.62 13.60 0.68
C THR A 347 21.60 13.63 1.82
N LEU A 348 20.58 12.80 1.72
CA LEU A 348 19.48 12.86 2.69
C LEU A 348 19.84 12.07 3.95
N PRO A 349 19.49 12.58 5.13
CA PRO A 349 19.64 11.79 6.35
C PRO A 349 18.58 10.69 6.41
N SER A 350 18.90 9.65 7.19
CA SER A 350 17.91 8.64 7.46
C SER A 350 16.80 9.19 8.34
N PHE A 351 15.73 8.41 8.46
CA PHE A 351 14.64 8.73 9.35
C PHE A 351 14.27 7.46 10.10
N THR A 352 14.22 7.53 11.42
CA THR A 352 13.93 6.38 12.24
C THR A 352 12.56 6.55 12.85
N PHE A 353 11.73 5.50 12.82
CA PHE A 353 10.49 5.52 13.57
C PHE A 353 10.45 4.40 14.59
N GLY A 354 9.75 4.66 15.69
CA GLY A 354 9.67 3.69 16.77
C GLY A 354 8.46 2.77 16.65
N VAL A 355 8.68 1.51 17.01
CA VAL A 355 7.63 0.51 17.15
C VAL A 355 7.87 -0.07 18.52
N GLY A 356 7.08 0.34 19.51
CA GLY A 356 7.44 0.02 20.88
C GLY A 356 8.84 0.50 21.16
N SER A 357 9.66 -0.36 21.77
CA SER A 357 11.06 -0.03 22.02
CA SER A 357 11.06 -0.02 22.02
C SER A 357 11.96 -0.27 20.82
N ALA A 358 11.43 -0.87 19.76
CA ALA A 358 12.21 -1.15 18.57
C ALA A 358 12.26 0.08 17.66
N ARG A 359 13.18 0.04 16.72
CA ARG A 359 13.44 1.16 15.83
C ARG A 359 13.57 0.65 14.40
N ILE A 360 12.86 1.28 13.47
CA ILE A 360 12.99 0.99 12.05
C ILE A 360 13.69 2.18 11.41
N VAL A 361 14.80 1.93 10.74
CA VAL A 361 15.60 2.98 10.13
C VAL A 361 15.31 3.02 8.63
N ILE A 362 14.80 4.15 8.15
CA ILE A 362 14.58 4.38 6.73
C ILE A 362 15.85 5.06 6.19
N PRO A 363 16.62 4.41 5.32
CA PRO A 363 17.80 5.08 4.77
C PRO A 363 17.42 6.34 4.02
N GLY A 364 18.31 7.33 4.06
CA GLY A 364 18.05 8.58 3.39
C GLY A 364 17.64 8.44 1.94
N ASP A 365 18.30 7.52 1.20
CA ASP A 365 17.95 7.48 -0.22
CA ASP A 365 17.99 7.36 -0.23
C ASP A 365 16.54 6.98 -0.46
N TYR A 366 15.89 6.34 0.53
CA TYR A 366 14.50 5.95 0.33
C TYR A 366 13.58 7.16 0.27
N ILE A 367 14.07 8.32 0.73
CA ILE A 367 13.28 9.53 0.83
C ILE A 367 13.43 10.40 -0.41
N ASP A 368 14.22 9.98 -1.38
CA ASP A 368 14.44 10.73 -2.61
C ASP A 368 13.45 10.25 -3.68
N PHE A 369 12.57 11.15 -4.10
CA PHE A 369 11.61 10.84 -5.17
C PHE A 369 11.94 11.55 -6.48
N GLY A 370 13.17 12.00 -6.63
CA GLY A 370 13.67 12.41 -7.91
C GLY A 370 13.17 13.77 -8.36
N PRO A 371 13.61 14.18 -9.55
CA PRO A 371 13.29 15.53 -10.03
C PRO A 371 11.79 15.81 -10.06
N ILE A 372 11.43 17.04 -9.70
CA ILE A 372 10.01 17.40 -9.64
C ILE A 372 9.38 17.37 -11.03
N SER A 373 10.18 17.63 -12.06
CA SER A 373 9.79 17.51 -13.45
C SER A 373 11.06 17.10 -14.19
N THR A 374 10.90 16.49 -15.35
CA THR A 374 12.05 15.95 -16.06
C THR A 374 13.12 17.01 -16.27
N GLY A 375 14.34 16.68 -15.89
CA GLY A 375 15.45 17.59 -16.08
C GLY A 375 15.66 18.60 -14.97
N SER A 376 14.76 18.68 -14.01
CA SER A 376 14.94 19.63 -12.91
C SER A 376 16.01 19.13 -11.95
N SER A 377 16.71 20.08 -11.31
CA SER A 377 17.61 19.75 -10.22
C SER A 377 16.97 19.92 -8.85
N SER A 378 15.67 20.16 -8.79
CA SER A 378 14.91 20.14 -7.56
CA SER A 378 14.92 20.14 -7.55
C SER A 378 14.21 18.80 -7.46
N CYS A 379 14.32 18.15 -6.31
CA CYS A 379 13.82 16.80 -6.13
C CYS A 379 12.68 16.78 -5.13
N PHE A 380 11.78 15.83 -5.30
CA PHE A 380 10.61 15.74 -4.43
C PHE A 380 10.91 14.87 -3.21
N GLY A 381 10.53 15.34 -2.04
CA GLY A 381 10.78 14.60 -0.83
C GLY A 381 9.80 13.49 -0.56
N GLY A 382 10.30 12.44 0.09
CA GLY A 382 9.50 11.27 0.41
C GLY A 382 8.83 11.29 1.77
N ILE A 383 9.11 12.31 2.56
CA ILE A 383 8.46 12.58 3.85
C ILE A 383 7.74 13.90 3.69
N GLN A 384 6.43 13.90 3.93
CA GLN A 384 5.60 15.08 3.69
C GLN A 384 4.64 15.24 4.87
N SER A 385 4.14 16.45 5.02
CA SER A 385 3.23 16.74 6.12
C SER A 385 1.87 16.09 5.89
N SER A 386 1.31 15.55 6.97
CA SER A 386 -0.04 15.03 6.96
C SER A 386 -1.07 16.07 7.33
N ALA A 387 -0.67 17.32 7.52
CA ALA A 387 -1.62 18.31 8.03
C ALA A 387 -2.85 18.45 7.14
N GLY A 388 -2.65 18.42 5.81
CA GLY A 388 -3.78 18.58 4.92
C GLY A 388 -4.69 17.38 4.81
N ILE A 389 -4.20 16.19 5.15
CA ILE A 389 -4.96 14.97 4.93
C ILE A 389 -5.66 14.41 6.17
N GLY A 390 -5.27 14.82 7.38
CA GLY A 390 -6.01 14.48 8.57
C GLY A 390 -5.66 13.15 9.20
N ILE A 391 -4.68 12.44 8.67
CA ILE A 391 -4.22 11.18 9.24
C ILE A 391 -2.76 11.02 8.85
N ASN A 392 -1.99 10.44 9.77
CA ASN A 392 -0.61 10.10 9.43
C ASN A 392 -0.59 8.77 8.69
N ILE A 393 0.28 8.67 7.68
CA ILE A 393 0.31 7.51 6.81
C ILE A 393 1.73 6.97 6.71
N PHE A 394 1.95 5.77 7.24
CA PHE A 394 3.19 5.04 7.06
C PHE A 394 3.05 4.29 5.73
N GLY A 395 3.34 5.01 4.64
CA GLY A 395 3.27 4.47 3.31
C GLY A 395 4.53 3.72 2.95
N ASP A 396 4.71 3.51 1.65
CA ASP A 396 5.77 2.62 1.18
C ASP A 396 7.15 3.05 1.64
N VAL A 397 7.42 4.38 1.68
CA VAL A 397 8.71 4.87 2.15
C VAL A 397 9.09 4.25 3.49
N ALA A 398 8.12 4.19 4.41
CA ALA A 398 8.37 3.57 5.71
C ALA A 398 8.30 2.05 5.63
N LEU A 399 7.26 1.51 5.00
CA LEU A 399 7.07 0.08 5.08
C LEU A 399 8.18 -0.70 4.38
N LYS A 400 8.74 -0.15 3.30
CA LYS A 400 9.77 -0.89 2.58
C LYS A 400 11.07 -0.99 3.36
N ALA A 401 11.22 -0.23 4.44
CA ALA A 401 12.36 -0.40 5.33
C ALA A 401 12.16 -1.52 6.32
N ALA A 402 11.03 -2.22 6.29
CA ALA A 402 10.72 -3.20 7.30
C ALA A 402 10.13 -4.46 6.67
N PHE A 403 10.13 -5.53 7.44
CA PHE A 403 9.28 -6.68 7.19
C PHE A 403 8.05 -6.47 8.08
N VAL A 404 6.87 -6.43 7.47
CA VAL A 404 5.66 -5.98 8.16
C VAL A 404 4.65 -7.13 8.21
N VAL A 405 4.21 -7.46 9.41
CA VAL A 405 3.21 -8.50 9.65
C VAL A 405 1.86 -7.83 9.90
N PHE A 406 0.88 -8.18 9.09
CA PHE A 406 -0.51 -7.78 9.27
C PHE A 406 -1.20 -8.98 9.89
N ASN A 407 -1.33 -8.96 11.20
CA ASN A 407 -1.86 -10.08 11.97
C ASN A 407 -3.36 -9.90 12.11
N GLY A 408 -4.11 -10.75 11.41
CA GLY A 408 -5.56 -10.71 11.42
C GLY A 408 -6.20 -11.69 12.39
N ALA A 409 -5.53 -11.97 13.51
CA ALA A 409 -6.16 -12.68 14.60
C ALA A 409 -7.37 -11.92 15.11
N THR A 410 -8.12 -12.56 16.01
CA THR A 410 -9.34 -11.98 16.55
C THR A 410 -9.14 -10.54 17.02
N THR A 411 -8.04 -10.28 17.72
CA THR A 411 -7.60 -8.92 17.96
C THR A 411 -6.42 -8.64 17.05
N PRO A 412 -6.59 -7.88 15.97
CA PRO A 412 -5.48 -7.69 15.03
C PRO A 412 -4.34 -6.93 15.67
N THR A 413 -3.13 -7.21 15.21
CA THR A 413 -1.94 -6.47 15.59
C THR A 413 -1.08 -6.28 14.34
N LEU A 414 -0.06 -5.44 14.48
CA LEU A 414 0.93 -5.22 13.43
CA LEU A 414 0.92 -5.17 13.45
C LEU A 414 2.29 -5.55 13.99
N GLY A 415 3.11 -6.20 13.19
CA GLY A 415 4.48 -6.49 13.56
C GLY A 415 5.45 -5.83 12.59
N PHE A 416 6.57 -5.33 13.14
CA PHE A 416 7.62 -4.76 12.31
C PHE A 416 8.95 -5.36 12.71
N ALA A 417 9.74 -5.75 11.70
CA ALA A 417 11.12 -6.15 11.91
C ALA A 417 11.99 -5.40 10.92
N SER A 418 13.23 -5.16 11.32
CA SER A 418 14.24 -4.74 10.37
C SER A 418 14.59 -5.89 9.44
N LYS A 419 15.24 -5.58 8.32
CA LYS A 419 15.55 -6.61 7.34
C LYS A 419 16.80 -6.30 6.56
#